data_9OQ9
#
_entry.id   9OQ9
#
_cell.length_a   166.633
_cell.length_b   55.019
_cell.length_c   120.040
_cell.angle_alpha   90.000
_cell.angle_beta   129.800
_cell.angle_gamma   90.000
#
_symmetry.space_group_name_H-M   'C 1 2 1'
#
loop_
_entity.id
_entity.type
_entity.pdbx_description
1 polymer "Bis(5'-nucleosyl)-tetraphosphatase [symmetrical]"
2 non-polymer "BIS(ADENOSINE)-5'-TETRAPHOSPHATE"
3 non-polymer 'MANGANESE (II) ION'
4 non-polymer 'MAGNESIUM ION'
5 non-polymer '4-(2-HYDROXYETHYL)-1-PIPERAZINE ETHANESULFONIC ACID'
6 water water
#
_entity_poly.entity_id   1
_entity_poly.type   'polypeptide(L)'
_entity_poly.pdbx_seq_one_letter_code
;MATYLIGDVHGCYDELIALLHKVEFTPGKDTLWLTGDLVARGPGSLDVLRYVKSLGDSVRLVLGNHDLHLLAVFAGISRN
KPKDRLTPLLEAPDADELLNWLRRQPLLQIDEEKKLVMAHAGITPQWDLQTAKECARDVEAVLSSDSYPFFLDAMYGDMP
NNWSPELRGLGRLRFITNAFTRMRFCFPNGQLDMYSKESPEEAPAPLKPWFAIPGPVAEEYSIAFGHWASLEGKGTPEGI
YALDTGCCWGGTLTCLRWEDKQYFVQPSNRHKDLGEAAASHHHHHH
;
_entity_poly.pdbx_strand_id   A,B
#
loop_
_chem_comp.id
_chem_comp.type
_chem_comp.name
_chem_comp.formula
B4P non-polymer BIS(ADENOSINE)-5'-TETRAPHOSPHATE 'C20 H28 N10 O19 P4'
EPE non-polymer '4-(2-HYDROXYETHYL)-1-PIPERAZINE ETHANESULFONIC ACID' 'C8 H18 N2 O4 S'
MG non-polymer 'MAGNESIUM ION' 'Mg 2'
MN non-polymer 'MANGANESE (II) ION' 'Mn 2'
#
# COMPACT_ATOMS: atom_id res chain seq x y z
N ALA A 2 -28.52 22.50 10.69
CA ALA A 2 -28.41 21.20 10.04
C ALA A 2 -27.15 20.48 10.49
N THR A 3 -27.16 19.16 10.34
CA THR A 3 -26.03 18.31 10.71
C THR A 3 -25.40 17.73 9.46
N TYR A 4 -24.11 17.98 9.26
CA TYR A 4 -23.39 17.45 8.11
C TYR A 4 -22.28 16.51 8.58
N LEU A 5 -22.08 15.43 7.84
CA LEU A 5 -21.04 14.45 8.14
C LEU A 5 -20.22 14.27 6.88
N ILE A 6 -18.92 14.44 6.98
CA ILE A 6 -18.00 14.35 5.84
C ILE A 6 -16.92 13.31 6.16
N GLY A 7 -16.58 12.50 5.17
CA GLY A 7 -15.57 11.48 5.32
C GLY A 7 -14.14 12.04 5.26
N ASP A 8 -13.19 11.12 5.10
CA ASP A 8 -11.75 11.42 5.19
C ASP A 8 -11.35 12.57 4.25
N VAL A 9 -10.84 13.65 4.84
CA VAL A 9 -10.46 14.83 4.05
C VAL A 9 -9.05 14.67 3.45
N HIS A 10 -8.14 14.02 4.19
CA HIS A 10 -6.77 13.76 3.75
C HIS A 10 -6.14 14.97 3.06
N GLY A 11 -6.24 16.12 3.72
CA GLY A 11 -5.51 17.26 3.23
C GLY A 11 -6.10 17.90 2.01
N CYS A 12 -7.30 17.49 1.61
CA CYS A 12 -7.98 18.06 0.44
C CYS A 12 -8.80 19.27 0.90
N TYR A 13 -8.07 20.33 1.21
CA TYR A 13 -8.71 21.54 1.74
C TYR A 13 -9.65 22.19 0.71
N ASP A 14 -9.22 22.30 -0.55
CA ASP A 14 -10.06 22.92 -1.58
C ASP A 14 -11.40 22.20 -1.73
N GLU A 15 -11.37 20.87 -1.81
CA GLU A 15 -12.61 20.12 -1.94
C GLU A 15 -13.47 20.25 -0.70
N LEU A 16 -12.85 20.27 0.48
CA LEU A 16 -13.63 20.43 1.70
C LEU A 16 -14.41 21.74 1.69
N ILE A 17 -13.72 22.86 1.39
CA ILE A 17 -14.38 24.16 1.41
C ILE A 17 -15.46 24.21 0.34
N ALA A 18 -15.16 23.71 -0.86
CA ALA A 18 -16.14 23.70 -1.94
C ALA A 18 -17.40 22.92 -1.54
N LEU A 19 -17.23 21.75 -0.90
CA LEU A 19 -18.40 20.98 -0.50
C LEU A 19 -19.19 21.71 0.59
N LEU A 20 -18.49 22.33 1.53
CA LEU A 20 -19.20 23.05 2.58
C LEU A 20 -19.95 24.26 2.01
N HIS A 21 -19.36 24.93 1.01
CA HIS A 21 -20.05 26.03 0.35
C HIS A 21 -21.26 25.51 -0.43
N LYS A 22 -21.17 24.31 -0.98
CA LYS A 22 -22.30 23.70 -1.67
C LYS A 22 -23.52 23.56 -0.76
N VAL A 23 -23.31 23.12 0.48
CA VAL A 23 -24.43 22.98 1.42
C VAL A 23 -24.65 24.25 2.25
N GLU A 24 -23.88 25.31 1.99
CA GLU A 24 -23.95 26.56 2.75
C GLU A 24 -23.79 26.31 4.25
N PHE A 25 -22.77 25.53 4.60
CA PHE A 25 -22.49 25.25 6.00
C PHE A 25 -22.27 26.55 6.78
N THR A 26 -23.09 26.73 7.81
CA THR A 26 -23.08 27.96 8.62
C THR A 26 -22.87 27.66 10.10
N PRO A 27 -21.65 27.79 10.62
CA PRO A 27 -21.42 27.58 12.05
C PRO A 27 -22.40 28.42 12.86
N GLY A 28 -22.97 27.81 13.89
CA GLY A 28 -23.93 28.51 14.72
C GLY A 28 -25.35 28.05 14.44
N LYS A 29 -25.61 27.70 13.17
CA LYS A 29 -26.85 27.03 12.78
C LYS A 29 -26.64 25.56 12.45
N ASP A 30 -25.44 25.19 12.00
CA ASP A 30 -25.11 23.87 11.52
C ASP A 30 -23.94 23.31 12.34
N THR A 31 -23.85 21.98 12.34
CA THR A 31 -22.77 21.25 12.97
C THR A 31 -22.14 20.27 11.98
N LEU A 32 -20.83 20.16 12.01
CA LEU A 32 -20.08 19.30 11.10
C LEU A 32 -19.45 18.15 11.88
N TRP A 33 -19.69 16.92 11.42
CA TRP A 33 -19.00 15.74 11.94
C TRP A 33 -17.96 15.33 10.91
N LEU A 34 -16.73 15.10 11.35
CA LEU A 34 -15.64 14.67 10.47
C LEU A 34 -15.13 13.32 10.96
N THR A 35 -14.99 12.36 10.03
CA THR A 35 -14.59 10.99 10.36
C THR A 35 -13.11 10.80 10.63
N GLY A 36 -12.31 11.87 10.71
CA GLY A 36 -10.89 11.70 10.94
C GLY A 36 -10.11 11.52 9.64
N ASP A 37 -8.81 11.29 9.78
CA ASP A 37 -7.88 11.35 8.65
C ASP A 37 -8.04 12.70 7.95
N LEU A 38 -7.85 13.75 8.75
CA LEU A 38 -7.86 15.12 8.25
C LEU A 38 -6.64 15.43 7.40
N VAL A 39 -5.55 14.68 7.57
CA VAL A 39 -4.25 15.08 7.11
C VAL A 39 -3.68 13.94 6.27
N ALA A 40 -2.58 14.25 5.55
CA ALA A 40 -1.75 13.32 4.79
C ALA A 40 -2.25 13.05 3.38
N ARG A 41 -1.30 12.86 2.46
CA ARG A 41 -1.48 12.60 1.04
C ARG A 41 -2.00 13.80 0.25
N GLY A 42 -3.11 14.41 0.66
CA GLY A 42 -3.56 15.63 0.03
C GLY A 42 -2.56 16.74 0.28
N PRO A 43 -2.63 17.84 -0.48
CA PRO A 43 -1.62 18.90 -0.32
C PRO A 43 -1.91 19.88 0.81
N GLY A 44 -3.11 19.87 1.40
CA GLY A 44 -3.48 20.97 2.28
C GLY A 44 -3.68 20.62 3.74
N SER A 45 -2.85 19.73 4.30
CA SER A 45 -3.07 19.31 5.70
C SER A 45 -3.02 20.49 6.66
N LEU A 46 -2.07 21.40 6.46
CA LEU A 46 -1.95 22.59 7.32
C LEU A 46 -3.25 23.41 7.29
N ASP A 47 -3.76 23.72 6.09
CA ASP A 47 -4.98 24.52 6.02
C ASP A 47 -6.17 23.76 6.61
N VAL A 48 -6.25 22.46 6.38
CA VAL A 48 -7.37 21.69 6.95
C VAL A 48 -7.36 21.78 8.47
N LEU A 49 -6.20 21.54 9.10
CA LEU A 49 -6.18 21.60 10.56
C LEU A 49 -6.51 22.99 11.08
N ARG A 50 -5.98 24.02 10.45
CA ARG A 50 -6.28 25.39 10.85
C ARG A 50 -7.78 25.64 10.84
N TYR A 51 -8.45 25.23 9.75
CA TYR A 51 -9.88 25.50 9.62
C TYR A 51 -10.71 24.66 10.61
N VAL A 52 -10.45 23.36 10.71
CA VAL A 52 -11.28 22.53 11.60
C VAL A 52 -11.11 22.99 13.05
N LYS A 53 -9.88 23.29 13.45
CA LYS A 53 -9.67 23.81 14.82
C LYS A 53 -10.47 25.10 15.03
N SER A 54 -10.49 25.99 14.04
CA SER A 54 -11.22 27.25 14.19
C SER A 54 -12.72 27.04 14.37
N LEU A 55 -13.26 25.87 13.99
CA LEU A 55 -14.71 25.68 14.06
C LEU A 55 -15.20 25.49 15.50
N GLY A 56 -14.33 25.05 16.40
CA GLY A 56 -14.72 24.93 17.79
C GLY A 56 -15.90 23.99 17.94
N ASP A 57 -16.90 24.43 18.71
CA ASP A 57 -18.04 23.57 19.00
C ASP A 57 -18.90 23.27 17.78
N SER A 58 -18.67 23.95 16.65
CA SER A 58 -19.40 23.65 15.41
C SER A 58 -18.86 22.44 14.67
N VAL A 59 -17.89 21.74 15.22
CA VAL A 59 -17.36 20.55 14.58
C VAL A 59 -17.18 19.48 15.65
N ARG A 60 -17.53 18.24 15.30
CA ARG A 60 -17.33 17.05 16.12
C ARG A 60 -16.43 16.10 15.36
N LEU A 61 -15.18 15.99 15.78
CA LEU A 61 -14.16 15.20 15.10
C LEU A 61 -13.91 13.90 15.85
N VAL A 62 -13.50 12.85 15.12
CA VAL A 62 -12.84 11.69 15.71
C VAL A 62 -11.48 11.56 15.02
N LEU A 63 -10.47 11.14 15.78
CA LEU A 63 -9.14 10.93 15.22
C LEU A 63 -9.07 9.63 14.42
N GLY A 64 -8.39 9.67 13.28
CA GLY A 64 -8.09 8.50 12.49
C GLY A 64 -6.62 8.09 12.55
N ASN A 65 -6.28 7.05 11.79
CA ASN A 65 -4.93 6.51 11.90
C ASN A 65 -3.88 7.47 11.33
N HIS A 66 -4.24 8.28 10.35
CA HIS A 66 -3.29 9.24 9.81
C HIS A 66 -3.12 10.45 10.73
N ASP A 67 -4.15 10.80 11.48
CA ASP A 67 -3.99 11.82 12.50
C ASP A 67 -3.04 11.34 13.58
N LEU A 68 -3.21 10.10 14.03
CA LEU A 68 -2.30 9.57 15.03
C LEU A 68 -0.88 9.49 14.48
N HIS A 69 -0.73 9.07 13.22
CA HIS A 69 0.60 8.98 12.64
C HIS A 69 1.28 10.35 12.61
N LEU A 70 0.54 11.37 12.18
CA LEU A 70 1.05 12.74 12.21
C LEU A 70 1.57 13.08 13.61
N LEU A 71 0.79 12.71 14.62
CA LEU A 71 1.20 13.04 15.99
C LEU A 71 2.46 12.29 16.37
N ALA A 72 2.58 11.04 15.90
CA ALA A 72 3.80 10.27 16.16
C ALA A 72 5.02 10.85 15.45
N VAL A 73 4.84 11.42 14.25
CA VAL A 73 5.94 12.09 13.56
C VAL A 73 6.31 13.37 14.29
N PHE A 74 5.31 14.17 14.65
CA PHE A 74 5.54 15.39 15.41
C PHE A 74 6.35 15.13 16.68
N ALA A 75 6.02 14.06 17.39
CA ALA A 75 6.68 13.76 18.66
C ALA A 75 8.02 13.06 18.49
N GLY A 76 8.50 12.88 17.26
CA GLY A 76 9.77 12.19 17.06
C GLY A 76 9.70 10.69 17.21
N ILE A 77 8.49 10.14 17.28
CA ILE A 77 8.31 8.71 17.46
C ILE A 77 8.51 7.95 16.15
N SER A 78 8.03 8.52 15.04
CA SER A 78 7.95 7.80 13.78
C SER A 78 8.53 8.66 12.68
N ARG A 79 9.03 8.00 11.64
CA ARG A 79 9.65 8.71 10.52
C ARG A 79 8.59 9.28 9.57
N ASN A 80 8.91 10.45 9.03
CA ASN A 80 8.05 11.15 8.08
C ASN A 80 8.19 10.50 6.69
N LYS A 81 7.07 10.13 6.07
CA LYS A 81 7.14 9.60 4.71
C LYS A 81 6.88 10.71 3.71
N PRO A 82 7.77 10.92 2.74
CA PRO A 82 7.53 11.99 1.75
C PRO A 82 6.12 12.00 1.18
N LYS A 83 5.56 10.82 0.92
CA LYS A 83 4.26 10.76 0.25
C LYS A 83 3.12 11.33 1.10
N ASP A 84 3.28 11.42 2.43
CA ASP A 84 2.21 11.97 3.25
C ASP A 84 2.08 13.49 3.14
N ARG A 85 3.12 14.18 2.65
CA ARG A 85 3.07 15.63 2.43
C ARG A 85 2.74 16.40 3.70
N LEU A 86 3.34 15.99 4.81
CA LEU A 86 3.12 16.62 6.11
C LEU A 86 4.10 17.73 6.45
N THR A 87 5.13 17.96 5.64
CA THR A 87 6.18 18.90 6.04
C THR A 87 5.70 20.34 6.22
N PRO A 88 4.87 20.90 5.36
CA PRO A 88 4.39 22.27 5.63
C PRO A 88 3.69 22.40 6.96
N LEU A 89 2.91 21.39 7.36
CA LEU A 89 2.25 21.42 8.65
C LEU A 89 3.27 21.26 9.78
N LEU A 90 4.20 20.30 9.65
CA LEU A 90 5.18 20.09 10.72
C LEU A 90 6.08 21.30 10.93
N GLU A 91 6.34 22.08 9.88
CA GLU A 91 7.23 23.24 9.96
C GLU A 91 6.47 24.56 10.20
N ALA A 92 5.17 24.51 10.39
CA ALA A 92 4.40 25.73 10.54
C ALA A 92 4.71 26.37 11.90
N PRO A 93 4.70 27.70 11.98
CA PRO A 93 4.92 28.32 13.30
C PRO A 93 3.85 27.95 14.31
N ASP A 94 2.64 27.63 13.86
CA ASP A 94 1.57 27.24 14.78
C ASP A 94 1.42 25.72 14.90
N ALA A 95 2.44 24.96 14.47
CA ALA A 95 2.35 23.51 14.56
C ALA A 95 2.03 23.05 15.97
N ASP A 96 2.69 23.63 16.99
CA ASP A 96 2.43 23.24 18.37
C ASP A 96 0.95 23.41 18.72
N GLU A 97 0.41 24.60 18.46
CA GLU A 97 -0.99 24.89 18.77
C GLU A 97 -1.91 23.89 18.08
N LEU A 98 -1.64 23.62 16.80
CA LEU A 98 -2.53 22.75 16.02
C LEU A 98 -2.47 21.31 16.51
N LEU A 99 -1.26 20.79 16.73
CA LEU A 99 -1.15 19.37 17.08
C LEU A 99 -1.53 19.13 18.52
N ASN A 100 -1.25 20.07 19.44
CA ASN A 100 -1.72 19.89 20.81
C ASN A 100 -3.23 19.94 20.89
N TRP A 101 -3.86 20.72 20.01
CA TRP A 101 -5.31 20.65 19.87
C TRP A 101 -5.73 19.30 19.30
N LEU A 102 -5.03 18.83 18.27
CA LEU A 102 -5.47 17.61 17.61
C LEU A 102 -5.45 16.42 18.56
N ARG A 103 -4.39 16.30 19.36
CA ARG A 103 -4.31 15.13 20.24
C ARG A 103 -5.36 15.14 21.34
N ARG A 104 -6.05 16.25 21.56
CA ARG A 104 -7.09 16.30 22.58
C ARG A 104 -8.48 15.95 22.05
N GLN A 105 -8.59 15.53 20.77
CA GLN A 105 -9.90 15.30 20.21
C GLN A 105 -10.35 13.86 20.42
N PRO A 106 -11.65 13.61 20.41
CA PRO A 106 -12.15 12.28 20.77
C PRO A 106 -11.81 11.26 19.69
N LEU A 107 -11.86 10.00 20.09
CA LEU A 107 -11.89 8.86 19.19
C LEU A 107 -13.32 8.42 18.90
N LEU A 108 -14.29 8.93 19.64
CA LEU A 108 -15.67 8.45 19.53
C LEU A 108 -16.61 9.60 19.78
N GLN A 109 -17.61 9.76 18.91
CA GLN A 109 -18.66 10.77 19.10
C GLN A 109 -20.04 10.09 19.17
N ILE A 110 -20.86 10.50 20.14
CA ILE A 110 -22.19 9.93 20.33
C ILE A 110 -23.19 11.06 20.47
N ASP A 111 -24.27 11.02 19.69
CA ASP A 111 -25.40 11.94 19.83
C ASP A 111 -26.64 11.10 20.12
N GLU A 112 -27.08 11.11 21.38
CA GLU A 112 -28.17 10.22 21.80
C GLU A 112 -29.50 10.62 21.17
N GLU A 113 -29.72 11.90 20.90
CA GLU A 113 -31.00 12.30 20.32
C GLU A 113 -31.11 11.86 18.87
N LYS A 114 -29.99 11.83 18.15
CA LYS A 114 -29.96 11.27 16.80
C LYS A 114 -29.69 9.78 16.79
N LYS A 115 -29.38 9.17 17.94
CA LYS A 115 -29.03 7.76 17.98
C LYS A 115 -27.92 7.49 16.96
N LEU A 116 -26.90 8.32 17.01
CA LEU A 116 -25.84 8.31 16.02
C LEU A 116 -24.49 8.21 16.73
N VAL A 117 -23.67 7.26 16.26
CA VAL A 117 -22.33 7.02 16.76
C VAL A 117 -21.35 7.27 15.62
N MET A 118 -20.21 7.88 15.93
CA MET A 118 -19.16 8.00 14.93
C MET A 118 -17.81 7.59 15.51
N ALA A 119 -17.04 6.85 14.71
CA ALA A 119 -15.64 6.56 14.98
C ALA A 119 -14.96 6.40 13.63
N HIS A 120 -13.63 6.46 13.64
CA HIS A 120 -12.95 6.52 12.35
C HIS A 120 -13.17 5.23 11.55
N ALA A 121 -12.94 4.08 12.17
CA ALA A 121 -13.08 2.82 11.45
C ALA A 121 -14.41 2.14 11.73
N GLY A 122 -15.19 2.64 12.69
CA GLY A 122 -16.45 2.03 13.06
C GLY A 122 -16.40 1.47 14.46
N ILE A 123 -17.31 0.56 14.81
CA ILE A 123 -17.37 0.00 16.16
C ILE A 123 -17.27 -1.52 16.03
N THR A 124 -16.27 -2.12 16.67
CA THR A 124 -16.15 -3.57 16.56
C THR A 124 -17.41 -4.22 17.14
N PRO A 125 -17.92 -5.28 16.52
CA PRO A 125 -19.08 -5.97 17.08
C PRO A 125 -18.82 -6.58 18.46
N GLN A 126 -17.57 -6.60 18.93
CA GLN A 126 -17.25 -7.14 20.26
C GLN A 126 -17.41 -6.13 21.37
N TRP A 127 -17.80 -4.89 21.07
CA TRP A 127 -18.02 -3.86 22.08
C TRP A 127 -19.51 -3.54 22.16
N ASP A 128 -20.01 -3.37 23.38
CA ASP A 128 -21.25 -2.64 23.59
C ASP A 128 -20.91 -1.16 23.77
N LEU A 129 -21.94 -0.34 23.89
CA LEU A 129 -21.68 1.09 23.92
C LEU A 129 -20.87 1.48 25.15
N GLN A 130 -21.22 0.93 26.32
CA GLN A 130 -20.49 1.26 27.54
C GLN A 130 -19.00 0.93 27.39
N THR A 131 -18.68 -0.20 26.78
CA THR A 131 -17.29 -0.57 26.62
C THR A 131 -16.59 0.38 25.63
N ALA A 132 -17.22 0.63 24.48
CA ALA A 132 -16.65 1.58 23.53
C ALA A 132 -16.34 2.91 24.20
N LYS A 133 -17.26 3.40 25.05
CA LYS A 133 -17.05 4.70 25.67
C LYS A 133 -15.88 4.65 26.65
N GLU A 134 -15.79 3.59 27.44
CA GLU A 134 -14.67 3.48 28.36
C GLU A 134 -13.34 3.38 27.60
N CYS A 135 -13.33 2.62 26.52
CA CYS A 135 -12.11 2.46 25.76
C CYS A 135 -11.70 3.78 25.12
N ALA A 136 -12.64 4.52 24.51
CA ALA A 136 -12.28 5.84 23.99
C ALA A 136 -11.74 6.72 25.10
N ARG A 137 -12.40 6.72 26.26
CA ARG A 137 -11.93 7.60 27.33
C ARG A 137 -10.49 7.26 27.71
N ASP A 138 -10.17 5.97 27.79
CA ASP A 138 -8.84 5.56 28.25
C ASP A 138 -7.75 6.00 27.27
N VAL A 139 -8.00 5.87 25.97
CA VAL A 139 -6.98 6.26 25.01
C VAL A 139 -6.93 7.78 24.87
N GLU A 140 -8.09 8.44 24.93
CA GLU A 140 -8.09 9.90 24.88
C GLU A 140 -7.31 10.49 26.05
N ALA A 141 -7.42 9.85 27.23
CA ALA A 141 -6.68 10.35 28.40
C ALA A 141 -5.18 10.26 28.19
N VAL A 142 -4.69 9.19 27.58
CA VAL A 142 -3.27 9.09 27.33
C VAL A 142 -2.84 10.07 26.24
N LEU A 143 -3.67 10.22 25.19
CA LEU A 143 -3.30 11.13 24.11
C LEU A 143 -3.24 12.57 24.59
N SER A 144 -4.11 12.94 25.51
CA SER A 144 -4.16 14.31 25.99
C SER A 144 -3.20 14.56 27.16
N SER A 145 -2.45 13.56 27.58
CA SER A 145 -1.55 13.74 28.71
C SER A 145 -0.18 14.23 28.24
N ASP A 146 0.60 14.76 29.20
CA ASP A 146 1.97 15.17 28.90
C ASP A 146 2.81 14.04 28.36
N SER A 147 2.40 12.80 28.62
CA SER A 147 3.19 11.63 28.28
C SER A 147 2.74 10.99 26.98
N TYR A 148 2.05 11.74 26.10
CA TYR A 148 1.46 11.10 24.94
C TYR A 148 2.47 10.44 24.01
N PRO A 149 3.74 10.87 23.91
CA PRO A 149 4.66 10.17 22.99
C PRO A 149 4.96 8.73 23.41
N PHE A 150 4.96 8.40 24.70
CA PHE A 150 5.09 7.00 25.07
C PHE A 150 3.91 6.17 24.57
N PHE A 151 2.69 6.70 24.70
CA PHE A 151 1.58 5.93 24.16
C PHE A 151 1.70 5.77 22.64
N LEU A 152 2.02 6.87 21.95
CA LEU A 152 2.12 6.78 20.50
C LEU A 152 3.13 5.71 20.10
N ASP A 153 4.24 5.62 20.82
CA ASP A 153 5.22 4.58 20.53
C ASP A 153 4.63 3.20 20.84
N ALA A 154 3.82 3.10 21.89
CA ALA A 154 3.28 1.82 22.28
C ALA A 154 2.19 1.35 21.31
N MET A 155 1.56 2.27 20.58
CA MET A 155 0.36 1.94 19.83
C MET A 155 0.66 1.06 18.63
N TYR A 156 1.86 1.14 18.06
CA TYR A 156 2.15 0.36 16.86
C TYR A 156 2.13 -1.13 17.19
N GLY A 157 1.50 -1.92 16.33
CA GLY A 157 1.37 -3.35 16.54
C GLY A 157 0.02 -3.86 16.06
N ASP A 158 -0.01 -5.15 15.76
CA ASP A 158 -1.20 -5.80 15.20
C ASP A 158 -1.88 -6.76 16.17
N MET A 159 -1.31 -6.99 17.35
CA MET A 159 -1.87 -7.89 18.36
C MET A 159 -2.06 -7.17 19.67
N PRO A 160 -3.01 -7.61 20.51
CA PRO A 160 -3.95 -8.71 20.29
C PRO A 160 -5.10 -8.22 19.43
N ASN A 161 -5.77 -9.13 18.74
CA ASN A 161 -6.84 -8.77 17.82
C ASN A 161 -8.19 -9.27 18.29
N ASN A 162 -8.28 -9.65 19.55
CA ASN A 162 -9.51 -10.16 20.14
C ASN A 162 -9.76 -9.41 21.45
N TRP A 163 -10.95 -8.84 21.59
CA TRP A 163 -11.25 -8.08 22.80
C TRP A 163 -11.61 -8.99 23.95
N SER A 164 -11.22 -8.59 25.16
CA SER A 164 -11.65 -9.22 26.38
C SER A 164 -11.58 -8.15 27.46
N PRO A 165 -12.56 -8.07 28.35
CA PRO A 165 -12.45 -7.16 29.50
C PRO A 165 -11.22 -7.43 30.37
N GLU A 166 -10.51 -8.54 30.18
CA GLU A 166 -9.34 -8.84 30.98
C GLU A 166 -8.04 -8.39 30.33
N LEU A 167 -8.09 -7.81 29.13
CA LEU A 167 -6.89 -7.26 28.53
C LEU A 167 -6.34 -6.16 29.43
N ARG A 168 -5.02 -6.12 29.58
CA ARG A 168 -4.36 -5.16 30.43
C ARG A 168 -3.20 -4.54 29.69
N GLY A 169 -2.87 -3.31 30.07
CA GLY A 169 -1.57 -2.79 29.68
C GLY A 169 -1.46 -2.54 28.18
N LEU A 170 -0.27 -2.80 27.64
CA LEU A 170 0.03 -2.39 26.28
C LEU A 170 -0.92 -3.04 25.27
N GLY A 171 -1.23 -4.32 25.45
CA GLY A 171 -2.13 -4.99 24.53
C GLY A 171 -3.50 -4.37 24.51
N ARG A 172 -3.97 -3.96 25.69
CA ARG A 172 -5.30 -3.34 25.77
C ARG A 172 -5.35 -2.05 24.97
N LEU A 173 -4.36 -1.16 25.15
CA LEU A 173 -4.34 0.09 24.39
C LEU A 173 -4.18 -0.17 22.91
N ARG A 174 -3.28 -1.09 22.54
CA ARG A 174 -3.12 -1.40 21.12
C ARG A 174 -4.41 -1.89 20.49
N PHE A 175 -5.12 -2.82 21.15
CA PHE A 175 -6.38 -3.29 20.55
C PHE A 175 -7.37 -2.14 20.39
N ILE A 176 -7.52 -1.32 21.42
CA ILE A 176 -8.45 -0.21 21.35
C ILE A 176 -8.12 0.69 20.16
N THR A 177 -6.84 1.04 20.01
CA THR A 177 -6.41 1.91 18.92
C THR A 177 -6.71 1.28 17.58
N ASN A 178 -6.35 0.01 17.42
CA ASN A 178 -6.63 -0.69 16.17
C ASN A 178 -8.12 -0.76 15.87
N ALA A 179 -8.94 -1.07 16.88
CA ALA A 179 -10.38 -1.16 16.68
C ALA A 179 -10.97 0.18 16.20
N PHE A 180 -10.55 1.30 16.79
CA PHE A 180 -11.15 2.58 16.43
C PHE A 180 -10.62 3.14 15.11
N THR A 181 -9.35 2.89 14.78
CA THR A 181 -8.72 3.60 13.67
C THR A 181 -8.18 2.73 12.56
N ARG A 182 -8.12 1.41 12.71
CA ARG A 182 -7.60 0.55 11.65
C ARG A 182 -8.54 -0.55 11.20
N MET A 183 -9.54 -0.94 12.01
CA MET A 183 -10.50 -1.98 11.65
C MET A 183 -11.08 -1.86 10.24
N ARG A 184 -11.19 -3.02 9.58
CA ARG A 184 -11.98 -3.23 8.37
C ARG A 184 -12.69 -4.57 8.49
N PHE A 185 -11.94 -5.67 8.30
CA PHE A 185 -12.46 -7.02 8.30
C PHE A 185 -12.41 -7.68 9.67
N CYS A 186 -13.40 -8.53 9.92
CA CYS A 186 -13.48 -9.35 11.12
C CYS A 186 -13.56 -10.82 10.75
N PHE A 187 -13.06 -11.67 11.64
CA PHE A 187 -13.38 -13.08 11.59
C PHE A 187 -14.78 -13.28 12.17
N PRO A 188 -15.41 -14.43 11.90
CA PRO A 188 -16.79 -14.65 12.38
C PRO A 188 -16.97 -14.40 13.87
N ASN A 189 -15.96 -14.66 14.69
CA ASN A 189 -16.07 -14.40 16.12
C ASN A 189 -15.92 -12.91 16.47
N GLY A 190 -15.82 -12.02 15.49
CA GLY A 190 -15.56 -10.61 15.75
C GLY A 190 -14.09 -10.22 15.81
N GLN A 191 -13.20 -11.21 15.81
CA GLN A 191 -11.76 -10.95 15.89
C GLN A 191 -11.31 -10.06 14.73
N LEU A 192 -10.46 -9.07 15.03
CA LEU A 192 -9.96 -8.16 14.02
C LEU A 192 -8.94 -8.83 13.11
N ASP A 193 -9.01 -8.54 11.81
CA ASP A 193 -7.96 -8.85 10.85
C ASP A 193 -7.25 -7.57 10.45
N MET A 194 -5.93 -7.54 10.56
CA MET A 194 -5.18 -6.29 10.42
C MET A 194 -4.44 -6.17 9.09
N TYR A 195 -4.70 -7.08 8.14
CA TYR A 195 -3.94 -7.12 6.89
C TYR A 195 -4.75 -6.80 5.65
N SER A 196 -5.97 -7.30 5.53
CA SER A 196 -6.72 -7.12 4.28
C SER A 196 -7.32 -5.72 4.22
N LYS A 197 -7.04 -5.01 3.12
CA LYS A 197 -7.47 -3.63 2.93
C LYS A 197 -8.34 -3.46 1.69
N GLU A 198 -8.80 -4.56 1.10
CA GLU A 198 -9.47 -4.53 -0.18
C GLU A 198 -10.98 -4.37 0.02
N SER A 199 -11.72 -4.27 -1.08
CA SER A 199 -13.16 -4.26 -0.99
C SER A 199 -13.68 -5.60 -0.44
N PRO A 200 -14.91 -5.60 0.09
CA PRO A 200 -15.47 -6.86 0.62
C PRO A 200 -15.66 -7.95 -0.43
N GLU A 201 -15.76 -7.59 -1.72
CA GLU A 201 -15.84 -8.62 -2.76
C GLU A 201 -14.56 -9.43 -2.85
N GLU A 202 -13.41 -8.75 -2.78
CA GLU A 202 -12.09 -9.36 -2.92
C GLU A 202 -11.58 -9.96 -1.61
N ALA A 203 -12.35 -9.90 -0.54
CA ALA A 203 -11.79 -10.36 0.72
C ALA A 203 -11.79 -11.89 0.78
N PRO A 204 -10.75 -12.49 1.33
CA PRO A 204 -10.71 -13.95 1.46
C PRO A 204 -11.60 -14.42 2.59
N ALA A 205 -12.26 -15.57 2.36
CA ALA A 205 -13.04 -16.18 3.42
C ALA A 205 -12.13 -16.57 4.58
N PRO A 206 -12.65 -16.58 5.80
CA PRO A 206 -14.02 -16.21 6.18
C PRO A 206 -14.14 -14.72 6.58
N LEU A 207 -13.29 -13.84 6.06
CA LEU A 207 -13.35 -12.43 6.42
C LEU A 207 -14.65 -11.79 5.98
N LYS A 208 -15.23 -10.98 6.86
CA LYS A 208 -16.45 -10.24 6.61
C LYS A 208 -16.30 -8.83 7.18
N PRO A 209 -16.89 -7.82 6.53
CA PRO A 209 -16.82 -6.46 7.07
C PRO A 209 -17.31 -6.45 8.51
N TRP A 210 -16.65 -5.63 9.34
CA TRP A 210 -17.06 -5.50 10.72
C TRP A 210 -18.56 -5.19 10.85
N PHE A 211 -19.13 -4.47 9.86
CA PHE A 211 -20.55 -4.14 9.94
C PHE A 211 -21.45 -5.28 9.51
N ALA A 212 -20.91 -6.35 8.92
CA ALA A 212 -21.70 -7.53 8.56
C ALA A 212 -21.91 -8.48 9.73
N ILE A 213 -21.36 -8.17 10.89
CA ILE A 213 -21.46 -9.02 12.08
C ILE A 213 -22.36 -8.29 13.07
N PRO A 214 -23.45 -8.91 13.52
CA PRO A 214 -24.35 -8.20 14.44
C PRO A 214 -23.64 -7.89 15.75
N GLY A 215 -23.74 -6.63 16.17
CA GLY A 215 -23.12 -6.17 17.39
C GLY A 215 -24.04 -5.21 18.11
N PRO A 216 -23.95 -5.17 19.43
CA PRO A 216 -24.98 -4.43 20.20
C PRO A 216 -25.04 -2.94 19.89
N VAL A 217 -23.93 -2.30 19.48
CA VAL A 217 -24.02 -0.88 19.19
C VAL A 217 -24.78 -0.66 17.89
N ALA A 218 -24.38 -1.39 16.84
CA ALA A 218 -25.01 -1.24 15.53
C ALA A 218 -26.48 -1.62 15.56
N GLU A 219 -26.92 -2.45 16.52
CA GLU A 219 -28.33 -2.83 16.59
C GLU A 219 -29.19 -1.72 17.18
N GLU A 220 -28.61 -0.82 17.97
CA GLU A 220 -29.35 0.28 18.57
C GLU A 220 -29.06 1.64 17.95
N TYR A 221 -27.89 1.81 17.33
CA TYR A 221 -27.43 3.11 16.86
C TYR A 221 -27.05 3.01 15.39
N SER A 222 -27.26 4.12 14.68
CA SER A 222 -26.56 4.31 13.41
C SER A 222 -25.09 4.55 13.69
N ILE A 223 -24.24 4.09 12.78
CA ILE A 223 -22.79 4.28 12.88
C ILE A 223 -22.29 4.93 11.58
N ALA A 224 -21.60 6.04 11.72
CA ALA A 224 -20.92 6.70 10.61
C ALA A 224 -19.42 6.53 10.81
N PHE A 225 -18.70 6.33 9.72
CA PHE A 225 -17.27 6.08 9.82
C PHE A 225 -16.64 6.47 8.49
N GLY A 226 -15.33 6.55 8.48
CA GLY A 226 -14.60 6.83 7.25
C GLY A 226 -13.65 5.68 6.96
N HIS A 227 -12.37 6.00 6.69
CA HIS A 227 -11.25 5.05 6.76
C HIS A 227 -11.17 4.04 5.61
N TRP A 228 -12.26 3.31 5.37
CA TRP A 228 -12.23 2.18 4.44
C TRP A 228 -12.55 2.69 3.02
N ALA A 229 -11.50 3.18 2.35
CA ALA A 229 -11.72 3.81 1.04
C ALA A 229 -12.09 2.80 -0.04
N SER A 230 -11.59 1.55 0.03
CA SER A 230 -11.91 0.59 -1.01
C SER A 230 -13.37 0.15 -0.96
N LEU A 231 -14.07 0.49 0.12
CA LEU A 231 -15.53 0.33 0.18
C LEU A 231 -16.24 1.25 -0.81
N GLU A 232 -15.62 2.40 -1.10
CA GLU A 232 -16.21 3.42 -1.97
C GLU A 232 -17.60 3.83 -1.49
N GLY A 233 -17.84 3.74 -0.19
CA GLY A 233 -19.09 4.19 0.40
C GLY A 233 -20.29 3.32 0.09
N LYS A 234 -20.09 2.12 -0.46
CA LYS A 234 -21.16 1.26 -0.94
C LYS A 234 -21.21 -0.02 -0.12
N GLY A 235 -22.29 -0.79 -0.32
CA GLY A 235 -22.39 -2.10 0.26
C GLY A 235 -22.57 -2.15 1.77
N THR A 236 -23.16 -1.12 2.38
CA THR A 236 -23.37 -1.21 3.80
C THR A 236 -24.85 -1.44 4.12
N PRO A 237 -25.14 -2.05 5.26
CA PRO A 237 -26.53 -2.29 5.65
C PRO A 237 -27.20 -1.04 6.18
N GLU A 238 -28.52 -1.14 6.38
CA GLU A 238 -29.26 0.00 6.91
C GLU A 238 -28.60 0.50 8.18
N GLY A 239 -28.46 1.81 8.31
CA GLY A 239 -27.94 2.40 9.51
C GLY A 239 -26.42 2.42 9.60
N ILE A 240 -25.72 1.97 8.57
CA ILE A 240 -24.26 2.01 8.50
C ILE A 240 -23.89 2.94 7.35
N TYR A 241 -23.16 4.02 7.65
CA TYR A 241 -22.81 5.06 6.69
C TYR A 241 -21.30 5.08 6.51
N ALA A 242 -20.83 4.51 5.40
CA ALA A 242 -19.41 4.55 5.07
C ALA A 242 -19.14 5.81 4.27
N LEU A 243 -18.48 6.79 4.89
CA LEU A 243 -18.36 8.12 4.31
C LEU A 243 -17.06 8.38 3.55
N ASP A 244 -16.07 7.48 3.60
CA ASP A 244 -14.81 7.71 2.91
C ASP A 244 -14.91 7.23 1.47
N THR A 245 -15.06 8.17 0.53
CA THR A 245 -15.11 7.87 -0.88
C THR A 245 -13.81 8.24 -1.59
N GLY A 246 -12.72 8.37 -0.83
CA GLY A 246 -11.38 8.42 -1.35
C GLY A 246 -10.98 9.68 -2.08
N CYS A 247 -11.26 10.84 -1.50
CA CYS A 247 -11.03 12.08 -2.22
C CYS A 247 -9.55 12.25 -2.56
N CYS A 248 -8.68 12.05 -1.57
CA CYS A 248 -7.24 12.18 -1.82
C CYS A 248 -6.76 11.23 -2.91
N TRP A 249 -7.50 10.16 -3.19
CA TRP A 249 -7.12 9.19 -4.21
C TRP A 249 -7.68 9.50 -5.59
N GLY A 250 -8.20 10.70 -5.81
CA GLY A 250 -8.93 10.95 -7.04
C GLY A 250 -10.36 10.46 -7.03
N GLY A 251 -10.87 10.02 -5.89
CA GLY A 251 -12.29 9.74 -5.76
C GLY A 251 -13.08 11.02 -5.52
N THR A 252 -13.89 11.03 -4.47
CA THR A 252 -14.76 12.15 -4.16
C THR A 252 -14.79 12.35 -2.65
N LEU A 253 -15.07 13.59 -2.26
CA LEU A 253 -15.38 13.93 -0.88
C LEU A 253 -16.89 13.90 -0.71
N THR A 254 -17.38 13.10 0.23
CA THR A 254 -18.81 12.90 0.39
C THR A 254 -19.31 13.60 1.65
N CYS A 255 -20.45 14.27 1.53
CA CYS A 255 -21.10 14.89 2.67
C CYS A 255 -22.52 14.39 2.79
N LEU A 256 -22.91 13.95 3.99
CA LEU A 256 -24.25 13.48 4.26
C LEU A 256 -24.95 14.45 5.20
N ARG A 257 -26.12 14.96 4.81
CA ARG A 257 -26.93 15.77 5.74
C ARG A 257 -27.83 14.84 6.55
N TRP A 258 -27.73 14.91 7.89
CA TRP A 258 -28.40 13.90 8.70
C TRP A 258 -29.92 14.06 8.66
N GLU A 259 -30.44 15.28 8.63
CA GLU A 259 -31.88 15.45 8.81
C GLU A 259 -32.67 14.74 7.71
N ASP A 260 -32.23 14.85 6.46
CA ASP A 260 -32.96 14.26 5.34
C ASP A 260 -32.16 13.15 4.65
N LYS A 261 -31.03 12.75 5.22
CA LYS A 261 -30.19 11.71 4.60
C LYS A 261 -29.85 12.08 3.16
N GLN A 262 -29.60 13.35 2.91
CA GLN A 262 -29.28 13.79 1.56
C GLN A 262 -27.76 13.84 1.39
N TYR A 263 -27.27 13.23 0.31
CA TYR A 263 -25.85 13.21 -0.01
C TYR A 263 -25.48 14.37 -0.93
N PHE A 264 -24.32 14.98 -0.66
CA PHE A 264 -23.68 15.93 -1.56
C PHE A 264 -22.27 15.45 -1.85
N VAL A 265 -21.81 15.58 -3.09
CA VAL A 265 -20.51 15.04 -3.46
C VAL A 265 -19.67 16.13 -4.13
N GLN A 266 -18.38 16.13 -3.83
CA GLN A 266 -17.43 17.06 -4.41
C GLN A 266 -16.33 16.29 -5.13
N PRO A 267 -16.19 16.45 -6.45
CA PRO A 267 -15.15 15.71 -7.17
C PRO A 267 -13.74 16.09 -6.72
N SER A 268 -12.86 15.09 -6.74
CA SER A 268 -11.44 15.34 -6.55
C SER A 268 -10.94 16.34 -7.59
N ASN A 269 -10.21 17.37 -7.14
CA ASN A 269 -9.53 18.27 -8.06
C ASN A 269 -8.22 17.73 -8.58
N ARG A 270 -7.62 16.78 -7.86
CA ARG A 270 -6.37 16.12 -8.24
C ARG A 270 -6.28 15.90 -9.75
N ALA B 2 19.73 -14.53 -31.34
CA ALA B 2 19.49 -13.16 -30.88
C ALA B 2 19.11 -13.15 -29.40
N THR B 3 19.22 -11.99 -28.77
CA THR B 3 18.92 -11.81 -27.36
C THR B 3 17.76 -10.84 -27.22
N TYR B 4 16.66 -11.29 -26.59
CA TYR B 4 15.48 -10.45 -26.41
C TYR B 4 15.22 -10.21 -24.93
N LEU B 5 14.91 -8.97 -24.56
CA LEU B 5 14.57 -8.60 -23.20
C LEU B 5 13.14 -8.10 -23.21
N ILE B 6 12.28 -8.71 -22.41
CA ILE B 6 10.89 -8.30 -22.33
C ILE B 6 10.58 -7.90 -20.89
N GLY B 7 9.82 -6.82 -20.72
CA GLY B 7 9.42 -6.35 -19.40
C GLY B 7 8.26 -7.16 -18.81
N ASP B 8 7.66 -6.58 -17.77
CA ASP B 8 6.70 -7.31 -16.94
C ASP B 8 5.55 -7.87 -17.77
N VAL B 9 5.39 -9.19 -17.74
CA VAL B 9 4.35 -9.83 -18.53
C VAL B 9 2.99 -9.77 -17.83
N HIS B 10 2.97 -9.92 -16.50
CA HIS B 10 1.76 -9.82 -15.70
C HIS B 10 0.59 -10.63 -16.32
N GLY B 11 0.83 -11.90 -16.58
CA GLY B 11 -0.19 -12.79 -17.09
C GLY B 11 -0.69 -12.45 -18.48
N CYS B 12 -0.04 -11.53 -19.20
CA CYS B 12 -0.50 -11.16 -20.55
C CYS B 12 0.08 -12.14 -21.58
N TYR B 13 -0.42 -13.37 -21.50
CA TYR B 13 0.14 -14.46 -22.28
C TYR B 13 0.02 -14.22 -23.78
N ASP B 14 -1.16 -13.79 -24.25
CA ASP B 14 -1.39 -13.58 -25.68
C ASP B 14 -0.42 -12.54 -26.25
N GLU B 15 -0.26 -11.42 -25.54
CA GLU B 15 0.66 -10.38 -25.97
C GLU B 15 2.10 -10.86 -25.99
N LEU B 16 2.47 -11.71 -25.03
CA LEU B 16 3.82 -12.26 -25.00
C LEU B 16 4.08 -13.08 -26.25
N ILE B 17 3.19 -14.04 -26.54
CA ILE B 17 3.40 -14.91 -27.70
C ILE B 17 3.38 -14.11 -28.98
N ALA B 18 2.51 -13.10 -29.07
CA ALA B 18 2.45 -12.29 -30.28
C ALA B 18 3.74 -11.52 -30.52
N LEU B 19 4.33 -10.97 -29.45
CA LEU B 19 5.60 -10.26 -29.57
C LEU B 19 6.73 -11.23 -29.89
N LEU B 20 6.70 -12.43 -29.31
CA LEU B 20 7.74 -13.41 -29.62
C LEU B 20 7.61 -13.92 -31.06
N HIS B 21 6.38 -14.06 -31.57
CA HIS B 21 6.22 -14.46 -32.97
C HIS B 21 6.59 -13.32 -33.90
N LYS B 22 6.37 -12.07 -33.47
CA LYS B 22 6.79 -10.93 -34.26
C LYS B 22 8.31 -10.94 -34.51
N VAL B 23 9.11 -11.20 -33.48
CA VAL B 23 10.55 -11.27 -33.65
C VAL B 23 11.04 -12.66 -34.06
N GLU B 24 10.11 -13.60 -34.32
CA GLU B 24 10.42 -14.98 -34.66
C GLU B 24 11.36 -15.62 -33.65
N PHE B 25 11.04 -15.45 -32.37
CA PHE B 25 11.86 -16.03 -31.31
C PHE B 25 11.98 -17.54 -31.44
N THR B 26 13.20 -18.03 -31.52
CA THR B 26 13.46 -19.46 -31.74
C THR B 26 14.33 -20.03 -30.63
N PRO B 27 13.76 -20.78 -29.69
CA PRO B 27 14.60 -21.38 -28.64
C PRO B 27 15.68 -22.24 -29.26
N GLY B 28 16.88 -22.19 -28.67
CA GLY B 28 18.01 -22.87 -29.27
C GLY B 28 18.93 -21.93 -30.04
N LYS B 29 18.36 -20.95 -30.75
CA LYS B 29 19.13 -19.90 -31.40
C LYS B 29 19.05 -18.57 -30.68
N ASP B 30 17.94 -18.30 -30.00
CA ASP B 30 17.69 -17.05 -29.31
C ASP B 30 17.57 -17.29 -27.82
N THR B 31 17.83 -16.25 -27.03
CA THR B 31 17.65 -16.31 -25.59
C THR B 31 16.71 -15.19 -25.16
N LEU B 32 15.84 -15.48 -24.21
CA LEU B 32 14.86 -14.50 -23.74
C LEU B 32 15.16 -14.17 -22.28
N TRP B 33 15.29 -12.88 -21.98
CA TRP B 33 15.41 -12.37 -20.63
C TRP B 33 14.05 -11.78 -20.24
N LEU B 34 13.58 -12.10 -19.04
CA LEU B 34 12.30 -11.61 -18.54
C LEU B 34 12.57 -10.91 -17.21
N THR B 35 12.05 -9.70 -17.05
CA THR B 35 12.28 -8.89 -15.86
C THR B 35 11.46 -9.29 -14.66
N GLY B 36 10.71 -10.39 -14.73
CA GLY B 36 9.85 -10.83 -13.64
C GLY B 36 8.50 -10.16 -13.65
N ASP B 37 7.76 -10.39 -12.57
CA ASP B 37 6.32 -10.14 -12.53
C ASP B 37 5.65 -10.82 -13.72
N LEU B 38 5.85 -12.14 -13.78
CA LEU B 38 5.27 -12.95 -14.83
C LEU B 38 3.78 -13.09 -14.66
N VAL B 39 3.27 -12.88 -13.45
CA VAL B 39 1.95 -13.30 -13.05
C VAL B 39 1.18 -12.12 -12.49
N ALA B 40 -0.14 -12.32 -12.32
CA ALA B 40 -1.04 -11.37 -11.67
C ALA B 40 -1.55 -10.28 -12.60
N ARG B 41 -2.79 -9.83 -12.32
CA ARG B 41 -3.54 -8.81 -13.05
C ARG B 41 -3.95 -9.24 -14.44
N GLY B 42 -3.01 -9.68 -15.28
CA GLY B 42 -3.38 -10.24 -16.56
C GLY B 42 -4.16 -11.52 -16.39
N PRO B 43 -4.85 -11.99 -17.44
CA PRO B 43 -5.67 -13.20 -17.29
C PRO B 43 -4.93 -14.52 -17.40
N GLY B 44 -3.67 -14.54 -17.86
CA GLY B 44 -3.07 -15.81 -18.24
C GLY B 44 -1.84 -16.22 -17.48
N SER B 45 -1.79 -15.94 -16.17
CA SER B 45 -0.62 -16.31 -15.37
C SER B 45 -0.31 -17.79 -15.49
N LEU B 46 -1.33 -18.64 -15.53
CA LEU B 46 -1.08 -20.07 -15.64
C LEU B 46 -0.34 -20.40 -16.94
N ASP B 47 -0.81 -19.83 -18.06
CA ASP B 47 -0.19 -20.13 -19.34
C ASP B 47 1.21 -19.54 -19.43
N VAL B 48 1.39 -18.35 -18.85
CA VAL B 48 2.71 -17.71 -18.87
C VAL B 48 3.73 -18.57 -18.16
N LEU B 49 3.41 -19.06 -16.96
CA LEU B 49 4.37 -19.90 -16.26
C LEU B 49 4.61 -21.22 -16.98
N ARG B 50 3.56 -21.84 -17.50
CA ARG B 50 3.77 -23.10 -18.23
C ARG B 50 4.75 -22.87 -19.37
N TYR B 51 4.52 -21.84 -20.17
CA TYR B 51 5.38 -21.61 -21.33
C TYR B 51 6.81 -21.26 -20.89
N VAL B 52 6.98 -20.31 -19.97
CA VAL B 52 8.33 -19.88 -19.60
C VAL B 52 9.13 -21.05 -19.02
N LYS B 53 8.52 -21.87 -18.17
CA LYS B 53 9.21 -23.05 -17.65
C LYS B 53 9.63 -23.99 -18.77
N SER B 54 8.79 -24.13 -19.80
CA SER B 54 9.11 -25.08 -20.86
C SER B 54 10.30 -24.61 -21.68
N LEU B 55 10.66 -23.32 -21.61
CA LEU B 55 11.77 -22.80 -22.41
C LEU B 55 13.12 -23.22 -21.86
N GLY B 56 13.22 -23.57 -20.58
CA GLY B 56 14.49 -24.05 -20.05
C GLY B 56 15.60 -23.02 -20.19
N ASP B 57 16.75 -23.48 -20.68
CA ASP B 57 17.93 -22.62 -20.79
C ASP B 57 17.74 -21.48 -21.79
N SER B 58 16.67 -21.48 -22.57
CA SER B 58 16.45 -20.39 -23.52
C SER B 58 15.79 -19.18 -22.88
N VAL B 59 15.56 -19.20 -21.57
CA VAL B 59 15.02 -18.04 -20.88
C VAL B 59 15.85 -17.78 -19.63
N ARG B 60 16.07 -16.50 -19.32
CA ARG B 60 16.77 -16.06 -18.14
C ARG B 60 15.84 -15.09 -17.41
N LEU B 61 15.30 -15.55 -16.30
CA LEU B 61 14.28 -14.86 -15.53
C LEU B 61 14.89 -14.28 -14.26
N VAL B 62 14.32 -13.19 -13.77
CA VAL B 62 14.54 -12.76 -12.40
C VAL B 62 13.15 -12.65 -11.76
N LEU B 63 13.05 -12.96 -10.48
CA LEU B 63 11.76 -12.87 -9.80
C LEU B 63 11.42 -11.41 -9.47
N GLY B 64 10.13 -11.07 -9.61
CA GLY B 64 9.61 -9.78 -9.21
C GLY B 64 8.81 -9.86 -7.93
N ASN B 65 8.28 -8.71 -7.51
CA ASN B 65 7.52 -8.70 -6.27
C ASN B 65 6.21 -9.46 -6.40
N HIS B 66 5.62 -9.50 -7.59
CA HIS B 66 4.38 -10.27 -7.75
C HIS B 66 4.62 -11.76 -7.86
N ASP B 67 5.78 -12.17 -8.38
CA ASP B 67 6.15 -13.58 -8.32
C ASP B 67 6.33 -14.01 -6.87
N LEU B 68 7.00 -13.20 -6.06
CA LEU B 68 7.17 -13.58 -4.67
C LEU B 68 5.84 -13.60 -3.93
N HIS B 69 4.97 -12.63 -4.20
CA HIS B 69 3.64 -12.67 -3.58
C HIS B 69 2.92 -13.97 -3.93
N LEU B 70 2.90 -14.33 -5.22
CA LEU B 70 2.27 -15.59 -5.62
C LEU B 70 2.82 -16.75 -4.81
N LEU B 71 4.15 -16.81 -4.67
CA LEU B 71 4.75 -17.88 -3.88
C LEU B 71 4.26 -17.82 -2.44
N ALA B 72 4.18 -16.62 -1.86
CA ALA B 72 3.69 -16.51 -0.49
C ALA B 72 2.27 -17.06 -0.36
N VAL B 73 1.41 -16.75 -1.33
CA VAL B 73 0.05 -17.27 -1.31
C VAL B 73 0.06 -18.79 -1.44
N PHE B 74 0.83 -19.31 -2.40
CA PHE B 74 0.95 -20.75 -2.59
C PHE B 74 1.31 -21.44 -1.29
N ALA B 75 2.22 -20.84 -0.53
CA ALA B 75 2.73 -21.40 0.72
C ALA B 75 1.81 -21.13 1.91
N GLY B 76 0.65 -20.52 1.70
CA GLY B 76 -0.24 -20.22 2.82
C GLY B 76 0.24 -19.13 3.75
N ILE B 77 1.23 -18.35 3.34
CA ILE B 77 1.69 -17.21 4.12
C ILE B 77 0.78 -16.00 3.93
N SER B 78 0.29 -15.79 2.71
CA SER B 78 -0.52 -14.64 2.36
C SER B 78 -1.78 -15.12 1.67
N ARG B 79 -2.83 -14.33 1.77
CA ARG B 79 -4.11 -14.76 1.23
C ARG B 79 -4.26 -14.38 -0.23
N ASN B 80 -4.97 -15.23 -0.97
CA ASN B 80 -5.22 -14.97 -2.38
C ASN B 80 -6.23 -13.84 -2.53
N LYS B 81 -5.89 -12.84 -3.34
CA LYS B 81 -6.85 -11.83 -3.74
C LYS B 81 -7.42 -12.22 -5.10
N PRO B 82 -8.70 -12.60 -5.18
CA PRO B 82 -9.27 -13.04 -6.48
C PRO B 82 -9.00 -12.07 -7.63
N LYS B 83 -9.00 -10.77 -7.34
CA LYS B 83 -8.72 -9.77 -8.37
C LYS B 83 -7.37 -9.99 -9.05
N ASP B 84 -6.41 -10.60 -8.37
CA ASP B 84 -5.10 -10.85 -8.97
C ASP B 84 -5.17 -11.85 -10.11
N ARG B 85 -6.25 -12.63 -10.19
CA ARG B 85 -6.41 -13.64 -11.22
C ARG B 85 -5.34 -14.72 -11.12
N LEU B 86 -4.99 -15.08 -9.89
CA LEU B 86 -4.05 -16.16 -9.65
C LEU B 86 -4.74 -17.49 -9.38
N THR B 87 -6.05 -17.50 -9.19
CA THR B 87 -6.71 -18.74 -8.76
C THR B 87 -6.55 -19.86 -9.77
N PRO B 88 -6.67 -19.64 -11.08
CA PRO B 88 -6.48 -20.77 -12.01
C PRO B 88 -5.13 -21.43 -11.82
N LEU B 89 -4.07 -20.61 -11.71
CA LEU B 89 -2.74 -21.16 -11.50
C LEU B 89 -2.67 -21.92 -10.18
N LEU B 90 -3.21 -21.35 -9.11
CA LEU B 90 -3.11 -22.02 -7.81
C LEU B 90 -3.83 -23.36 -7.81
N GLU B 91 -4.95 -23.47 -8.53
CA GLU B 91 -5.76 -24.69 -8.54
C GLU B 91 -5.36 -25.66 -9.65
N ALA B 92 -4.32 -25.36 -10.41
CA ALA B 92 -3.97 -26.19 -11.55
C ALA B 92 -3.34 -27.48 -11.07
N PRO B 93 -3.61 -28.60 -11.75
CA PRO B 93 -2.98 -29.86 -11.33
C PRO B 93 -1.46 -29.78 -11.28
N ASP B 94 -0.84 -28.90 -12.07
CA ASP B 94 0.61 -28.79 -12.07
C ASP B 94 1.12 -27.61 -11.24
N ALA B 95 0.27 -27.04 -10.37
CA ALA B 95 0.71 -25.92 -9.54
C ALA B 95 2.04 -26.21 -8.84
N ASP B 96 2.17 -27.38 -8.19
CA ASP B 96 3.38 -27.68 -7.43
C ASP B 96 4.61 -27.68 -8.33
N GLU B 97 4.53 -28.39 -9.46
CA GLU B 97 5.63 -28.36 -10.43
C GLU B 97 6.01 -26.93 -10.78
N LEU B 98 5.02 -26.11 -11.12
CA LEU B 98 5.31 -24.77 -11.62
C LEU B 98 5.90 -23.87 -10.54
N LEU B 99 5.35 -23.92 -9.32
CA LEU B 99 5.76 -22.96 -8.28
C LEU B 99 7.04 -23.40 -7.60
N ASN B 100 7.25 -24.71 -7.48
CA ASN B 100 8.55 -25.20 -7.04
C ASN B 100 9.63 -24.86 -8.06
N TRP B 101 9.31 -24.85 -9.35
CA TRP B 101 10.24 -24.29 -10.33
C TRP B 101 10.39 -22.78 -10.13
N LEU B 102 9.28 -22.05 -9.95
CA LEU B 102 9.38 -20.60 -9.89
C LEU B 102 10.29 -20.17 -8.74
N ARG B 103 10.17 -20.83 -7.59
CA ARG B 103 10.95 -20.38 -6.44
C ARG B 103 12.43 -20.69 -6.54
N ARG B 104 12.89 -21.48 -7.53
CA ARG B 104 14.32 -21.65 -7.63
C ARG B 104 14.94 -20.70 -8.67
N GLN B 105 14.16 -19.74 -9.21
CA GLN B 105 14.72 -18.86 -10.23
C GLN B 105 15.46 -17.69 -9.58
N PRO B 106 16.43 -17.10 -10.26
CA PRO B 106 17.30 -16.08 -9.63
C PRO B 106 16.60 -14.76 -9.38
N LEU B 107 17.23 -13.95 -8.54
CA LEU B 107 16.90 -12.53 -8.36
C LEU B 107 17.71 -11.63 -9.27
N LEU B 108 18.79 -12.14 -9.84
CA LEU B 108 19.76 -11.32 -10.53
C LEU B 108 20.33 -12.13 -11.69
N GLN B 109 20.37 -11.53 -12.87
CA GLN B 109 21.05 -12.12 -14.03
C GLN B 109 22.21 -11.23 -14.44
N ILE B 110 23.37 -11.82 -14.72
CA ILE B 110 24.56 -11.10 -15.15
C ILE B 110 25.13 -11.80 -16.38
N ASP B 111 25.33 -11.04 -17.45
CA ASP B 111 26.05 -11.55 -18.61
C ASP B 111 27.30 -10.68 -18.80
N GLU B 112 28.47 -11.26 -18.53
CA GLU B 112 29.73 -10.52 -18.60
C GLU B 112 30.10 -10.16 -20.04
N GLU B 113 29.80 -11.04 -21.00
CA GLU B 113 30.15 -10.79 -22.39
C GLU B 113 29.31 -9.67 -22.99
N LYS B 114 28.08 -9.50 -22.51
CA LYS B 114 27.28 -8.36 -22.92
C LYS B 114 27.42 -7.17 -21.98
N LYS B 115 28.11 -7.33 -20.84
CA LYS B 115 28.19 -6.29 -19.83
C LYS B 115 26.78 -5.85 -19.42
N LEU B 116 25.93 -6.85 -19.15
CA LEU B 116 24.50 -6.65 -18.95
C LEU B 116 24.07 -7.28 -17.62
N VAL B 117 23.34 -6.52 -16.83
CA VAL B 117 22.84 -6.95 -15.52
C VAL B 117 21.33 -6.80 -15.54
N MET B 118 20.62 -7.80 -15.01
CA MET B 118 19.17 -7.64 -14.91
C MET B 118 18.69 -7.98 -13.50
N ALA B 119 17.77 -7.17 -12.99
CA ALA B 119 17.04 -7.44 -11.75
C ALA B 119 15.66 -6.80 -11.89
N HIS B 120 14.70 -7.23 -11.08
CA HIS B 120 13.32 -6.75 -11.32
C HIS B 120 13.22 -5.24 -11.14
N ALA B 121 13.75 -4.71 -10.03
CA ALA B 121 13.60 -3.29 -9.78
C ALA B 121 14.85 -2.50 -10.13
N GLY B 122 15.96 -3.16 -10.42
CA GLY B 122 17.19 -2.43 -10.69
C GLY B 122 18.25 -2.76 -9.66
N ILE B 123 19.31 -1.95 -9.58
CA ILE B 123 20.42 -2.18 -8.65
C ILE B 123 20.53 -0.93 -7.79
N THR B 124 20.29 -1.08 -6.49
CA THR B 124 20.41 0.09 -5.64
C THR B 124 21.80 0.68 -5.82
N PRO B 125 21.95 2.00 -5.88
CA PRO B 125 23.30 2.58 -5.92
C PRO B 125 24.12 2.29 -4.69
N GLN B 126 23.52 1.77 -3.59
CA GLN B 126 24.30 1.42 -2.41
C GLN B 126 25.08 0.13 -2.57
N TRP B 127 24.89 -0.58 -3.68
CA TRP B 127 25.50 -1.88 -3.92
C TRP B 127 26.50 -1.81 -5.06
N ASP B 128 27.66 -2.44 -4.87
CA ASP B 128 28.53 -2.81 -5.98
C ASP B 128 28.16 -4.22 -6.46
N LEU B 129 28.80 -4.67 -7.53
CA LEU B 129 28.39 -5.93 -8.13
C LEU B 129 28.58 -7.09 -7.17
N GLN B 130 29.74 -7.15 -6.52
CA GLN B 130 30.02 -8.28 -5.65
C GLN B 130 28.98 -8.42 -4.55
N THR B 131 28.57 -7.29 -3.96
CA THR B 131 27.52 -7.31 -2.94
C THR B 131 26.17 -7.73 -3.53
N ALA B 132 25.79 -7.15 -4.68
CA ALA B 132 24.55 -7.56 -5.32
C ALA B 132 24.55 -9.06 -5.55
N LYS B 133 25.68 -9.61 -5.97
CA LYS B 133 25.78 -11.03 -6.25
C LYS B 133 25.58 -11.85 -4.99
N GLU B 134 26.26 -11.45 -3.91
CA GLU B 134 26.16 -12.19 -2.67
C GLU B 134 24.74 -12.11 -2.11
N CYS B 135 24.13 -10.94 -2.21
CA CYS B 135 22.79 -10.76 -1.68
C CYS B 135 21.78 -11.61 -2.46
N ALA B 136 21.87 -11.61 -3.80
CA ALA B 136 21.01 -12.48 -4.59
C ALA B 136 21.21 -13.95 -4.21
N ARG B 137 22.46 -14.39 -4.10
CA ARG B 137 22.71 -15.78 -3.70
C ARG B 137 22.01 -16.10 -2.38
N ASP B 138 22.11 -15.21 -1.39
CA ASP B 138 21.57 -15.56 -0.07
C ASP B 138 20.06 -15.69 -0.10
N VAL B 139 19.37 -14.80 -0.82
CA VAL B 139 17.91 -14.88 -0.82
C VAL B 139 17.46 -16.02 -1.71
N GLU B 140 18.17 -16.25 -2.83
CA GLU B 140 17.85 -17.38 -3.67
C GLU B 140 17.98 -18.68 -2.89
N ALA B 141 19.00 -18.76 -2.02
CA ALA B 141 19.18 -19.97 -1.21
C ALA B 141 17.99 -20.23 -0.30
N VAL B 142 17.43 -19.19 0.34
CA VAL B 142 16.29 -19.42 1.22
C VAL B 142 15.05 -19.75 0.41
N LEU B 143 14.91 -19.16 -0.78
CA LEU B 143 13.76 -19.44 -1.63
C LEU B 143 13.81 -20.87 -2.17
N SER B 144 15.01 -21.36 -2.45
CA SER B 144 15.22 -22.72 -2.93
C SER B 144 15.14 -23.77 -1.82
N SER B 145 15.11 -23.37 -0.57
CA SER B 145 15.20 -24.33 0.52
C SER B 145 13.82 -24.85 0.92
N ASP B 146 13.83 -25.98 1.64
CA ASP B 146 12.59 -26.56 2.17
C ASP B 146 11.87 -25.62 3.10
N SER B 147 12.54 -24.61 3.64
CA SER B 147 11.93 -23.73 4.62
C SER B 147 11.44 -22.42 4.01
N TYR B 148 11.13 -22.41 2.72
CA TYR B 148 10.87 -21.13 2.08
C TYR B 148 9.63 -20.42 2.61
N PRO B 149 8.58 -21.09 3.14
CA PRO B 149 7.43 -20.32 3.64
C PRO B 149 7.80 -19.44 4.82
N PHE B 150 8.77 -19.89 5.61
CA PHE B 150 9.27 -19.07 6.70
C PHE B 150 10.04 -17.85 6.18
N PHE B 151 10.80 -17.99 5.09
CA PHE B 151 11.41 -16.79 4.55
C PHE B 151 10.37 -15.86 3.95
N LEU B 152 9.47 -16.42 3.15
CA LEU B 152 8.44 -15.59 2.53
C LEU B 152 7.74 -14.76 3.58
N ASP B 153 7.42 -15.37 4.73
CA ASP B 153 6.78 -14.61 5.78
C ASP B 153 7.73 -13.56 6.36
N ALA B 154 8.99 -13.92 6.52
CA ALA B 154 9.98 -12.99 7.07
C ALA B 154 10.27 -11.84 6.11
N MET B 155 10.13 -12.08 4.80
CA MET B 155 10.49 -11.07 3.81
C MET B 155 9.68 -9.79 3.93
N TYR B 156 8.45 -9.86 4.44
CA TYR B 156 7.58 -8.69 4.46
C TYR B 156 8.11 -7.64 5.43
N GLY B 157 8.10 -6.39 5.02
CA GLY B 157 8.53 -5.30 5.86
C GLY B 157 9.14 -4.19 5.04
N ASP B 158 9.11 -2.97 5.58
CA ASP B 158 9.64 -1.81 4.86
C ASP B 158 10.94 -1.26 5.44
N MET B 159 11.48 -1.85 6.49
CA MET B 159 12.72 -1.44 7.13
C MET B 159 13.65 -2.62 7.31
N PRO B 160 14.98 -2.41 7.35
CA PRO B 160 15.69 -1.13 7.18
C PRO B 160 15.70 -0.71 5.72
N ASN B 161 15.93 0.57 5.43
CA ASN B 161 16.01 1.06 4.06
C ASN B 161 17.40 1.56 3.69
N ASN B 162 18.39 1.26 4.52
CA ASN B 162 19.78 1.64 4.31
C ASN B 162 20.68 0.40 4.32
N TRP B 163 21.43 0.18 3.25
CA TRP B 163 22.34 -0.95 3.21
C TRP B 163 23.57 -0.70 4.08
N SER B 164 24.00 -1.76 4.77
CA SER B 164 25.30 -1.79 5.44
C SER B 164 25.78 -3.24 5.41
N PRO B 165 27.05 -3.49 5.13
CA PRO B 165 27.56 -4.86 5.28
C PRO B 165 27.39 -5.42 6.71
N GLU B 166 27.07 -4.58 7.70
CA GLU B 166 26.86 -5.06 9.06
C GLU B 166 25.43 -5.51 9.35
N LEU B 167 24.50 -5.31 8.42
CA LEU B 167 23.13 -5.80 8.65
C LEU B 167 23.13 -7.31 8.86
N ARG B 168 22.30 -7.79 9.79
CA ARG B 168 22.20 -9.20 10.10
C ARG B 168 20.74 -9.63 10.14
N GLY B 169 20.51 -10.92 9.94
CA GLY B 169 19.20 -11.47 10.25
C GLY B 169 18.09 -10.92 9.39
N LEU B 170 16.92 -10.72 10.02
CA LEU B 170 15.70 -10.39 9.29
C LEU B 170 15.80 -9.07 8.55
N GLY B 171 16.37 -8.04 9.19
CA GLY B 171 16.55 -6.77 8.49
C GLY B 171 17.37 -6.90 7.22
N ARG B 172 18.43 -7.72 7.26
CA ARG B 172 19.26 -7.94 6.08
C ARG B 172 18.46 -8.56 4.94
N LEU B 173 17.69 -9.60 5.23
CA LEU B 173 16.89 -10.26 4.20
C LEU B 173 15.82 -9.32 3.64
N ARG B 174 15.13 -8.58 4.51
CA ARG B 174 14.09 -7.67 4.05
C ARG B 174 14.66 -6.58 3.14
N PHE B 175 15.80 -6.00 3.51
CA PHE B 175 16.38 -4.95 2.65
C PHE B 175 16.72 -5.52 1.28
N ILE B 176 17.41 -6.65 1.26
CA ILE B 176 17.76 -7.31 0.00
C ILE B 176 16.52 -7.51 -0.88
N THR B 177 15.47 -8.09 -0.32
CA THR B 177 14.25 -8.36 -1.07
C THR B 177 13.67 -7.07 -1.61
N ASN B 178 13.62 -6.03 -0.77
CA ASN B 178 13.08 -4.75 -1.18
C ASN B 178 13.96 -4.10 -2.25
N ALA B 179 15.28 -4.21 -2.11
CA ALA B 179 16.18 -3.64 -3.11
C ALA B 179 15.97 -4.28 -4.49
N PHE B 180 15.84 -5.60 -4.54
CA PHE B 180 15.72 -6.24 -5.85
C PHE B 180 14.32 -6.11 -6.47
N THR B 181 13.27 -6.08 -5.66
CA THR B 181 11.94 -6.29 -6.18
C THR B 181 10.94 -5.16 -5.92
N ARG B 182 11.26 -4.18 -5.10
CA ARG B 182 10.29 -3.12 -4.81
C ARG B 182 10.84 -1.72 -5.04
N MET B 183 12.14 -1.57 -5.23
CA MET B 183 12.76 -0.25 -5.20
C MET B 183 12.30 0.59 -6.40
N ARG B 184 12.03 1.87 -6.13
CA ARG B 184 11.82 2.87 -7.15
C ARG B 184 12.63 4.11 -6.77
N PHE B 185 12.15 4.84 -5.76
CA PHE B 185 12.78 6.09 -5.34
C PHE B 185 13.79 5.90 -4.21
N CYS B 186 14.81 6.74 -4.23
CA CYS B 186 15.84 6.80 -3.22
C CYS B 186 15.88 8.20 -2.63
N PHE B 187 16.32 8.29 -1.39
CA PHE B 187 16.72 9.56 -0.82
C PHE B 187 18.10 9.90 -1.39
N PRO B 188 18.52 11.18 -1.31
CA PRO B 188 19.81 11.55 -1.92
C PRO B 188 20.96 10.65 -1.53
N ASN B 189 20.97 10.17 -0.29
CA ASN B 189 22.03 9.31 0.21
C ASN B 189 21.84 7.86 -0.18
N GLY B 190 20.83 7.55 -0.99
CA GLY B 190 20.65 6.20 -1.49
C GLY B 190 19.66 5.35 -0.72
N GLN B 191 19.12 5.84 0.39
CA GLN B 191 18.15 5.06 1.16
C GLN B 191 16.92 4.81 0.31
N LEU B 192 16.34 3.63 0.46
CA LEU B 192 15.11 3.29 -0.27
C LEU B 192 13.89 4.00 0.31
N ASP B 193 13.01 4.45 -0.57
CA ASP B 193 11.68 4.84 -0.16
C ASP B 193 10.71 3.78 -0.63
N MET B 194 9.94 3.24 0.29
CA MET B 194 9.07 2.09 0.00
C MET B 194 7.62 2.47 -0.26
N TYR B 195 7.31 3.75 -0.48
CA TYR B 195 5.91 4.16 -0.57
C TYR B 195 5.53 4.86 -1.87
N SER B 196 6.40 5.69 -2.44
CA SER B 196 6.04 6.44 -3.64
C SER B 196 6.19 5.58 -4.89
N LYS B 197 5.16 5.57 -5.73
CA LYS B 197 5.14 4.74 -6.92
C LYS B 197 4.81 5.53 -8.18
N GLU B 198 4.75 6.86 -8.10
CA GLU B 198 4.37 7.69 -9.21
C GLU B 198 5.59 7.94 -10.08
N SER B 199 5.39 8.65 -11.19
CA SER B 199 6.48 9.03 -12.05
C SER B 199 7.45 9.96 -11.32
N PRO B 200 8.70 10.02 -11.76
CA PRO B 200 9.67 10.91 -11.09
C PRO B 200 9.20 12.35 -10.99
N GLU B 201 8.47 12.84 -12.01
CA GLU B 201 8.05 14.24 -12.04
C GLU B 201 7.02 14.53 -10.96
N GLU B 202 6.18 13.57 -10.62
CA GLU B 202 5.14 13.78 -9.63
C GLU B 202 5.61 13.42 -8.23
N ALA B 203 6.87 13.04 -8.07
CA ALA B 203 7.35 12.51 -6.80
C ALA B 203 7.60 13.63 -5.79
N PRO B 204 7.43 13.36 -4.50
CA PRO B 204 7.72 14.39 -3.49
C PRO B 204 9.21 14.51 -3.22
N ALA B 205 9.68 15.76 -3.12
CA ALA B 205 11.07 15.99 -2.80
C ALA B 205 11.39 15.39 -1.41
N PRO B 206 12.62 14.95 -1.19
CA PRO B 206 13.78 14.95 -2.10
C PRO B 206 13.93 13.64 -2.86
N LEU B 207 12.85 12.90 -3.12
CA LEU B 207 12.97 11.57 -3.72
C LEU B 207 13.41 11.68 -5.17
N LYS B 208 14.35 10.81 -5.56
CA LYS B 208 14.86 10.71 -6.92
C LYS B 208 14.88 9.25 -7.36
N PRO B 209 14.70 8.98 -8.66
CA PRO B 209 14.86 7.59 -9.14
C PRO B 209 16.18 7.01 -8.68
N TRP B 210 16.15 5.71 -8.32
CA TRP B 210 17.39 5.02 -7.96
C TRP B 210 18.45 5.17 -9.03
N PHE B 211 18.04 5.21 -10.30
CA PHE B 211 19.04 5.31 -11.36
C PHE B 211 19.59 6.72 -11.54
N ALA B 212 19.01 7.72 -10.89
CA ALA B 212 19.55 9.08 -10.97
C ALA B 212 20.67 9.31 -9.97
N ILE B 213 21.01 8.30 -9.18
CA ILE B 213 22.07 8.39 -8.20
C ILE B 213 23.23 7.51 -8.66
N PRO B 214 24.42 8.06 -8.87
CA PRO B 214 25.51 7.27 -9.44
C PRO B 214 25.86 6.11 -8.50
N GLY B 215 25.93 4.92 -9.08
CA GLY B 215 26.31 3.73 -8.36
C GLY B 215 27.35 2.98 -9.16
N PRO B 216 28.13 2.13 -8.48
CA PRO B 216 29.25 1.48 -9.18
C PRO B 216 28.82 0.42 -10.19
N VAL B 217 27.65 -0.19 -10.02
CA VAL B 217 27.26 -1.22 -10.99
C VAL B 217 26.92 -0.57 -12.32
N ALA B 218 26.15 0.51 -12.28
CA ALA B 218 25.72 1.20 -13.50
C ALA B 218 26.89 1.86 -14.22
N GLU B 219 28.00 2.14 -13.54
CA GLU B 219 29.14 2.74 -14.20
C GLU B 219 29.91 1.75 -15.06
N GLU B 220 29.77 0.46 -14.80
CA GLU B 220 30.45 -0.55 -15.59
C GLU B 220 29.51 -1.39 -16.46
N TYR B 221 28.22 -1.46 -16.10
CA TYR B 221 27.29 -2.36 -16.75
C TYR B 221 26.06 -1.62 -17.22
N SER B 222 25.44 -2.15 -18.25
CA SER B 222 24.06 -1.82 -18.55
C SER B 222 23.16 -2.50 -17.54
N ILE B 223 22.07 -1.83 -17.18
CA ILE B 223 21.08 -2.42 -16.29
C ILE B 223 19.73 -2.44 -16.97
N ALA B 224 19.16 -3.64 -17.11
CA ALA B 224 17.78 -3.80 -17.54
C ALA B 224 16.93 -4.15 -16.32
N PHE B 225 15.70 -3.62 -16.28
CA PHE B 225 14.80 -3.89 -15.17
C PHE B 225 13.37 -3.67 -15.63
N GLY B 226 12.41 -4.10 -14.82
CA GLY B 226 11.01 -3.84 -15.09
C GLY B 226 10.34 -3.00 -14.00
N HIS B 227 9.23 -3.52 -13.43
CA HIS B 227 8.70 -3.09 -12.14
C HIS B 227 8.05 -1.71 -12.15
N TRP B 228 8.78 -0.69 -12.60
CA TRP B 228 8.37 0.71 -12.41
C TRP B 228 7.55 1.19 -13.59
N ALA B 229 6.27 0.83 -13.59
CA ALA B 229 5.45 1.07 -14.78
C ALA B 229 5.16 2.56 -15.00
N SER B 230 5.01 3.35 -13.92
CA SER B 230 4.71 4.76 -14.11
C SER B 230 5.86 5.52 -14.77
N LEU B 231 7.03 4.90 -14.85
CA LEU B 231 8.13 5.43 -15.66
C LEU B 231 7.79 5.36 -17.14
N GLU B 232 7.00 4.36 -17.55
CA GLU B 232 6.60 4.14 -18.94
C GLU B 232 7.81 3.92 -19.86
N GLY B 233 8.89 3.38 -19.31
CA GLY B 233 10.07 3.07 -20.12
C GLY B 233 10.87 4.28 -20.56
N LYS B 234 10.58 5.47 -20.04
CA LYS B 234 11.19 6.70 -20.52
C LYS B 234 11.97 7.35 -19.39
N GLY B 235 12.77 8.35 -19.76
CA GLY B 235 13.46 9.17 -18.77
C GLY B 235 14.64 8.51 -18.09
N THR B 236 15.21 7.46 -18.70
CA THR B 236 16.38 6.87 -18.05
C THR B 236 17.67 7.33 -18.71
N PRO B 237 18.76 7.34 -17.98
CA PRO B 237 20.06 7.69 -18.57
C PRO B 237 20.58 6.58 -19.47
N GLU B 238 21.69 6.88 -20.13
CA GLU B 238 22.32 5.94 -21.04
C GLU B 238 22.72 4.67 -20.28
N GLY B 239 22.48 3.52 -20.92
CA GLY B 239 22.79 2.25 -20.30
C GLY B 239 21.76 1.73 -19.32
N ILE B 240 20.68 2.46 -19.08
CA ILE B 240 19.61 2.05 -18.17
C ILE B 240 18.35 1.81 -19.01
N TYR B 241 17.81 0.61 -18.94
CA TYR B 241 16.71 0.17 -19.78
C TYR B 241 15.52 -0.19 -18.92
N ALA B 242 14.49 0.64 -18.95
CA ALA B 242 13.29 0.43 -18.17
C ALA B 242 12.29 -0.23 -19.09
N LEU B 243 12.05 -1.52 -18.90
CA LEU B 243 11.32 -2.31 -19.88
C LEU B 243 9.85 -2.51 -19.53
N ASP B 244 9.41 -2.12 -18.35
CA ASP B 244 8.00 -2.29 -17.98
C ASP B 244 7.18 -1.13 -18.54
N THR B 245 6.43 -1.38 -19.62
CA THR B 245 5.58 -0.35 -20.21
C THR B 245 4.10 -0.64 -19.95
N GLY B 246 3.82 -1.36 -18.88
CA GLY B 246 2.48 -1.47 -18.32
C GLY B 246 1.48 -2.28 -19.11
N CYS B 247 1.89 -3.42 -19.66
CA CYS B 247 1.00 -4.17 -20.54
C CYS B 247 -0.31 -4.52 -19.85
N CYS B 248 -0.25 -5.11 -18.65
CA CYS B 248 -1.46 -5.48 -17.91
C CYS B 248 -2.35 -4.29 -17.61
N TRP B 249 -1.79 -3.08 -17.60
CA TRP B 249 -2.51 -1.83 -17.32
C TRP B 249 -3.14 -1.22 -18.56
N GLY B 250 -3.14 -1.91 -19.69
CA GLY B 250 -3.58 -1.27 -20.93
C GLY B 250 -2.49 -0.49 -21.64
N GLY B 251 -1.23 -0.63 -21.21
CA GLY B 251 -0.10 0.00 -21.88
C GLY B 251 0.37 -0.88 -23.01
N THR B 252 1.66 -1.24 -23.01
CA THR B 252 2.21 -2.08 -24.05
C THR B 252 3.19 -3.07 -23.43
N LEU B 253 3.42 -4.17 -24.13
CA LEU B 253 4.50 -5.10 -23.80
C LEU B 253 5.70 -4.76 -24.68
N THR B 254 6.86 -4.56 -24.07
CA THR B 254 8.02 -4.07 -24.79
C THR B 254 9.10 -5.14 -24.87
N CYS B 255 9.67 -5.29 -26.06
CA CYS B 255 10.78 -6.20 -26.28
C CYS B 255 11.95 -5.42 -26.87
N LEU B 256 13.12 -5.60 -26.29
CA LEU B 256 14.36 -5.03 -26.80
C LEU B 256 15.26 -6.15 -27.30
N ARG B 257 15.69 -6.10 -28.55
CA ARG B 257 16.73 -7.00 -29.02
C ARG B 257 18.10 -6.41 -28.70
N TRP B 258 18.96 -7.20 -28.05
CA TRP B 258 20.20 -6.64 -27.51
C TRP B 258 21.21 -6.34 -28.61
N GLU B 259 21.24 -7.13 -29.67
CA GLU B 259 22.33 -6.99 -30.65
C GLU B 259 22.31 -5.61 -31.30
N ASP B 260 21.14 -5.15 -31.75
CA ASP B 260 21.03 -3.87 -32.43
C ASP B 260 20.27 -2.83 -31.61
N LYS B 261 19.92 -3.15 -30.37
CA LYS B 261 19.12 -2.25 -29.53
C LYS B 261 17.80 -1.88 -30.21
N GLN B 262 17.19 -2.84 -30.91
CA GLN B 262 15.95 -2.59 -31.64
C GLN B 262 14.77 -2.93 -30.75
N TYR B 263 13.83 -2.00 -30.60
CA TYR B 263 12.62 -2.19 -29.81
C TYR B 263 11.49 -2.74 -30.66
N PHE B 264 10.67 -3.59 -30.04
CA PHE B 264 9.43 -4.11 -30.60
C PHE B 264 8.34 -3.97 -29.54
N VAL B 265 7.15 -3.55 -29.95
CA VAL B 265 6.10 -3.27 -28.98
C VAL B 265 4.83 -4.01 -29.40
N GLN B 266 4.19 -4.64 -28.43
CA GLN B 266 2.91 -5.32 -28.62
C GLN B 266 1.84 -4.55 -27.86
N PRO B 267 0.80 -4.03 -28.51
CA PRO B 267 -0.23 -3.32 -27.77
C PRO B 267 -1.00 -4.25 -26.83
N SER B 268 -1.41 -3.69 -25.71
CA SER B 268 -2.25 -4.42 -24.77
C SER B 268 -3.56 -4.82 -25.45
N ASN B 269 -4.02 -6.05 -25.20
CA ASN B 269 -5.31 -6.46 -25.73
C ASN B 269 -6.48 -5.92 -24.92
N ARG B 270 -6.25 -5.53 -23.67
CA ARG B 270 -7.29 -4.92 -22.84
C ARG B 270 -8.15 -3.94 -23.63
PA B4P C . -4.73 1.16 8.27
O1A B4P C . -4.80 1.88 9.60
O2A B4P C . -5.77 0.07 8.21
O3A B4P C . -5.12 2.24 7.14
PB B4P C . -4.57 2.44 5.67
O1B B4P C . -3.09 2.23 5.67
O2B B4P C . -5.22 1.41 4.77
O3B B4P C . -4.86 3.91 5.19
PG B4P C . -6.23 4.72 5.18
O1G B4P C . -6.68 4.91 6.61
O2G B4P C . -5.96 6.05 4.55
O3G B4P C . -7.30 3.97 4.30
PD B4P C . -7.41 3.79 2.72
O1D B4P C . -8.50 2.80 2.37
O2D B4P C . -7.72 5.15 2.13
O5E B4P C . -3.32 0.58 8.05
O5F B4P C . -6.05 3.35 2.10
C5F B4P C . -5.54 2.04 2.28
C4F B4P C . -5.10 1.47 0.91
O4F B4P C . -6.28 1.29 0.13
C3F B4P C . -4.27 2.50 0.10
O3F B4P C . -2.90 2.06 0.00
C2F B4P C . -4.89 2.58 -1.31
O2F B4P C . -3.89 2.22 -2.26
C1F B4P C . -5.96 1.46 -1.25
N9B B4P C . -7.18 1.77 -2.02
C8B B4P C . -7.79 2.96 -2.20
N7B B4P C . -8.88 2.83 -2.95
C5B B4P C . -8.98 1.51 -3.28
C6B B4P C . -9.94 0.83 -4.05
N6B B4P C . -10.98 1.46 -4.63
N1B B4P C . -9.80 -0.52 -4.23
C2B B4P C . -8.73 -1.09 -3.63
N3B B4P C . -7.80 -0.50 -2.88
C4B B4P C . -7.94 0.85 -2.71
MN MN D . -8.21 7.54 5.28
MG MG E . -8.33 7.52 5.39
MN MN F . -8.03 5.65 7.95
N1 EPE G . 1.30 -11.19 5.86
C2 EPE G . 0.84 -11.69 7.17
C3 EPE G . 1.85 -11.31 8.25
N4 EPE G . 3.21 -11.71 7.93
C5 EPE G . 3.64 -11.46 6.56
C6 EPE G . 2.60 -11.79 5.51
C7 EPE G . 4.23 -11.48 8.95
C8 EPE G . 3.76 -11.79 10.37
O8 EPE G . 3.64 -13.18 10.55
C9 EPE G . 0.32 -11.58 4.83
C10 EPE G . -0.94 -10.75 5.04
S EPE G . -2.06 -10.86 3.64
O1S EPE G . -2.52 -12.24 3.50
O2S EPE G . -3.23 -10.02 3.92
O3S EPE G . -1.36 -10.36 2.46
H21 EPE G . 0.72 -12.77 7.14
H22 EPE G . -0.13 -11.25 7.42
H31 EPE G . 1.56 -11.79 9.19
H32 EPE G . 1.83 -10.23 8.40
H51 EPE G . 4.54 -12.06 6.37
H52 EPE G . 3.92 -10.41 6.46
H61 EPE G . 2.49 -12.87 5.42
H62 EPE G . 2.92 -11.41 4.54
H71 EPE G . 4.55 -10.45 8.89
H72 EPE G . 5.10 -12.11 8.73
H81 EPE G . 2.80 -11.31 10.54
H82 EPE G . 4.47 -11.37 11.09
HO8 EPE G . 4.46 -13.62 10.24
H91 EPE G . 0.73 -11.41 3.84
H92 EPE G . 0.09 -12.63 4.93
H101 EPE G . -1.45 -11.09 5.93
H102 EPE G . -0.66 -9.71 5.18
PA B4P H . 5.94 -2.43 -5.28
O1A B4P H . 7.02 -1.37 -5.33
O2A B4P H . 5.08 -2.18 -4.06
O3A B4P H . 4.97 -2.31 -6.57
PB B4P H . 3.48 -2.82 -6.80
O1B B4P H . 2.58 -1.65 -6.61
O2B B4P H . 3.17 -3.85 -5.74
O3B B4P H . 3.21 -3.44 -8.26
PG B4P H . 4.15 -3.48 -9.56
O1G B4P H . 5.45 -4.17 -9.25
O2G B4P H . 3.44 -4.31 -10.62
O3G B4P H . 4.39 -2.04 -10.16
PD B4P H . 3.41 -1.07 -10.95
O1D B4P H . 3.08 -1.72 -12.29
O2D B4P H . 4.19 0.23 -11.19
O5E B4P H . 6.61 -3.81 -5.14
O5F B4P H . 2.12 -0.79 -10.17
C5F B4P H . 2.21 -0.18 -8.88
C4F B4P H . 1.37 1.12 -8.85
O4F B4P H . 1.87 2.06 -9.79
C3F B4P H . -0.08 0.82 -9.31
O3F B4P H . -0.91 0.44 -8.20
C2F B4P H . -0.54 2.18 -9.86
O2F B4P H . -1.00 2.96 -8.75
C1F B4P H . 0.78 2.80 -10.37
N9B B4P H . 0.94 2.84 -11.83
C8B B4P H . 1.15 1.80 -12.66
N7B B4P H . 1.27 2.23 -13.91
C5B B4P H . 1.12 3.59 -13.89
C6B B4P H . 1.15 4.54 -14.94
N6B B4P H . 1.34 4.18 -16.24
N1B B4P H . 0.96 5.86 -14.65
C2B B4P H . 0.77 6.15 -13.34
N3B B4P H . 0.74 5.29 -12.30
C4B B4P H . 0.92 3.98 -12.60
MN MN I . 5.11 -5.12 -12.40
MG MG J . 5.06 -5.04 -12.41
MN MN K . 7.09 -5.13 -9.77
#